data_2LHP
#
_entry.id   2LHP
#
_entity_poly.entity_id   1
_entity_poly.type   'polyribonucleotide'
_entity_poly.pdbx_seq_one_letter_code
;GGGUGAAAUGGAGGACUUCGGUCCUCAAAUUUCACCC
;
_entity_poly.pdbx_strand_id   A
#